data_2CYE
#
_entry.id   2CYE
#
_cell.length_a   89.530
_cell.length_b   55.817
_cell.length_c   110.147
_cell.angle_alpha   90.00
_cell.angle_beta   102.42
_cell.angle_gamma   90.00
#
_symmetry.space_group_name_H-M   'C 1 2 1'
#
loop_
_entity.id
_entity.type
_entity.pdbx_description
1 polymer 'Putative thioesterase'
2 non-polymer 'ZINC ION'
3 non-polymer 'COENZYME A'
4 water water
#
_entity_poly.entity_id   1
_entity_poly.type   'polypeptide(L)'
_entity_poly.pdbx_seq_one_letter_code
;(MSE)EGFPVRVRVDVRFRDLDPLGHVNNAVFLSY(MSE)ELARIRYFQRISPDWLEEGHFVVAR(MSE)EVDYLRPILL
GDEVFVGVRTVGLGRSSLR(MSE)EHLVTANGESAAKGLGVLVWLEGGRPAPLPEAIRERIRALEGRPL
;
_entity_poly.pdbx_strand_id   A,B,C,D
#
loop_
_chem_comp.id
_chem_comp.type
_chem_comp.name
_chem_comp.formula
COA non-polymer 'COENZYME A' 'C21 H36 N7 O16 P3 S'
ZN non-polymer 'ZINC ION' 'Zn 2'
#
# COMPACT_ATOMS: atom_id res chain seq x y z
N MSE A 1 -25.54 -1.95 7.52
CA MSE A 1 -25.61 -3.12 6.59
C MSE A 1 -26.33 -4.26 7.32
O MSE A 1 -25.89 -4.68 8.39
CB MSE A 1 -24.19 -3.58 6.21
CG MSE A 1 -24.17 -4.67 5.15
SE MSE A 1 -22.38 -5.20 4.65
CE MSE A 1 -21.84 -3.55 3.75
N GLU A 2 -27.43 -4.74 6.75
CA GLU A 2 -28.19 -5.79 7.41
C GLU A 2 -27.40 -7.08 7.63
N GLY A 3 -27.53 -7.63 8.83
CA GLY A 3 -26.83 -8.86 9.18
C GLY A 3 -25.44 -8.68 9.74
N PHE A 4 -24.93 -7.45 9.69
CA PHE A 4 -23.59 -7.12 10.17
C PHE A 4 -23.66 -6.06 11.26
N PRO A 5 -23.11 -6.36 12.44
CA PRO A 5 -23.12 -5.41 13.57
C PRO A 5 -22.22 -4.19 13.40
N VAL A 6 -21.18 -4.33 12.59
CA VAL A 6 -20.24 -3.22 12.35
C VAL A 6 -20.02 -3.04 10.85
N ARG A 7 -20.04 -1.79 10.40
CA ARG A 7 -19.80 -1.48 8.99
C ARG A 7 -19.06 -0.15 8.85
N VAL A 8 -18.16 -0.06 7.89
CA VAL A 8 -17.42 1.18 7.68
C VAL A 8 -17.41 1.59 6.22
N ARG A 9 -17.16 2.88 5.99
CA ARG A 9 -17.08 3.38 4.63
C ARG A 9 -15.62 3.48 4.24
N VAL A 10 -15.33 3.26 2.96
CA VAL A 10 -13.97 3.37 2.47
C VAL A 10 -14.01 4.13 1.16
N ASP A 11 -13.04 5.01 0.97
CA ASP A 11 -12.96 5.78 -0.26
C ASP A 11 -11.91 5.14 -1.15
N VAL A 12 -12.28 4.82 -2.39
CA VAL A 12 -11.34 4.17 -3.30
C VAL A 12 -10.25 5.17 -3.72
N ARG A 13 -8.99 4.77 -3.57
CA ARG A 13 -7.89 5.66 -3.93
C ARG A 13 -7.29 5.25 -5.27
N PHE A 14 -6.70 6.21 -5.97
CA PHE A 14 -6.06 5.91 -7.24
C PHE A 14 -4.99 4.86 -6.94
N ARG A 15 -4.34 5.01 -5.79
CA ARG A 15 -3.27 4.10 -5.38
C ARG A 15 -3.73 2.67 -5.19
N ASP A 16 -5.04 2.47 -4.99
CA ASP A 16 -5.57 1.13 -4.79
C ASP A 16 -5.70 0.34 -6.09
N LEU A 17 -5.62 1.03 -7.22
CA LEU A 17 -5.87 0.39 -8.52
C LEU A 17 -4.79 -0.36 -9.29
N ASP A 18 -5.24 -1.42 -9.96
CA ASP A 18 -4.38 -2.20 -10.83
C ASP A 18 -4.37 -1.35 -12.11
N PRO A 19 -3.43 -1.60 -13.03
CA PRO A 19 -3.35 -0.82 -14.28
C PRO A 19 -4.67 -0.70 -15.09
N LEU A 20 -5.50 -1.75 -15.07
CA LEU A 20 -6.74 -1.70 -15.82
C LEU A 20 -7.82 -0.82 -15.19
N GLY A 21 -7.53 -0.26 -14.01
CA GLY A 21 -8.49 0.63 -13.37
C GLY A 21 -9.48 0.06 -12.37
N HIS A 22 -9.16 -1.07 -11.77
CA HIS A 22 -10.03 -1.67 -10.76
C HIS A 22 -9.15 -1.94 -9.53
N VAL A 23 -9.77 -2.07 -8.36
CA VAL A 23 -9.03 -2.28 -7.12
C VAL A 23 -8.23 -3.58 -7.09
N ASN A 24 -6.98 -3.45 -6.63
CA ASN A 24 -6.06 -4.58 -6.53
C ASN A 24 -6.52 -5.61 -5.49
N ASN A 25 -6.32 -6.89 -5.79
CA ASN A 25 -6.75 -7.97 -4.91
C ASN A 25 -6.33 -7.87 -3.44
N ALA A 26 -5.11 -7.41 -3.18
CA ALA A 26 -4.65 -7.31 -1.80
C ALA A 26 -5.31 -6.16 -1.05
N VAL A 27 -5.59 -5.08 -1.79
CA VAL A 27 -6.20 -3.93 -1.15
C VAL A 27 -7.58 -4.26 -0.58
N PHE A 28 -8.27 -5.25 -1.17
CA PHE A 28 -9.58 -5.65 -0.63
C PHE A 28 -9.43 -6.10 0.82
N LEU A 29 -8.32 -6.77 1.13
CA LEU A 29 -8.10 -7.23 2.50
C LEU A 29 -7.90 -6.05 3.46
N SER A 30 -7.38 -4.95 2.94
CA SER A 30 -7.17 -3.76 3.75
C SER A 30 -8.53 -3.08 4.01
N TYR A 31 -9.45 -3.20 3.06
CA TYR A 31 -10.80 -2.65 3.24
C TYR A 31 -11.47 -3.49 4.33
N MSE A 32 -11.33 -4.80 4.21
CA MSE A 32 -11.94 -5.73 5.17
C MSE A 32 -11.38 -5.49 6.57
O MSE A 32 -12.10 -5.54 7.57
CB MSE A 32 -11.67 -7.18 4.75
CG MSE A 32 -12.41 -7.61 3.48
SE MSE A 32 -12.01 -9.24 2.87
CE MSE A 32 -13.07 -9.31 1.44
N GLU A 33 -10.08 -5.21 6.62
CA GLU A 33 -9.40 -4.95 7.87
C GLU A 33 -9.93 -3.73 8.62
N LEU A 34 -10.26 -2.67 7.89
CA LEU A 34 -10.74 -1.47 8.57
C LEU A 34 -12.00 -1.80 9.37
N ALA A 35 -12.88 -2.61 8.77
CA ALA A 35 -14.11 -3.02 9.44
C ALA A 35 -13.79 -3.91 10.66
N ARG A 36 -12.89 -4.88 10.47
CA ARG A 36 -12.53 -5.78 11.54
C ARG A 36 -11.91 -5.04 12.73
N ILE A 37 -11.04 -4.08 12.47
CA ILE A 37 -10.40 -3.32 13.55
C ILE A 37 -11.44 -2.52 14.33
N ARG A 38 -12.43 -1.98 13.63
CA ARG A 38 -13.49 -1.21 14.28
C ARG A 38 -14.31 -2.16 15.16
N TYR A 39 -14.44 -3.40 14.72
CA TYR A 39 -15.18 -4.43 15.46
C TYR A 39 -14.35 -4.81 16.68
N PHE A 40 -13.03 -4.92 16.52
CA PHE A 40 -12.16 -5.26 17.64
C PHE A 40 -12.17 -4.16 18.69
N GLN A 41 -12.30 -2.91 18.25
CA GLN A 41 -12.33 -1.78 19.17
C GLN A 41 -13.51 -1.85 20.13
N ARG A 42 -14.44 -2.75 19.86
CA ARG A 42 -15.61 -2.90 20.70
C ARG A 42 -15.52 -4.12 21.61
N ILE A 43 -14.66 -5.06 21.27
CA ILE A 43 -14.52 -6.26 22.10
C ILE A 43 -13.17 -6.40 22.77
N ASP A 46 -6.79 -2.49 23.11
CA ASP A 46 -5.50 -2.72 22.41
C ASP A 46 -5.72 -2.97 20.92
N TRP A 47 -6.43 -2.07 20.27
CA TRP A 47 -6.70 -2.24 18.85
C TRP A 47 -5.44 -2.10 17.98
N LEU A 48 -4.42 -1.41 18.49
CA LEU A 48 -3.18 -1.25 17.73
C LEU A 48 -2.48 -2.60 17.65
N GLU A 49 -2.71 -3.43 18.67
CA GLU A 49 -2.13 -4.76 18.71
C GLU A 49 -3.13 -5.72 18.05
N GLU A 50 -4.09 -5.15 17.33
CA GLU A 50 -5.12 -5.94 16.66
C GLU A 50 -5.85 -6.82 17.68
N GLY A 51 -6.06 -6.28 18.88
CA GLY A 51 -6.75 -7.02 19.93
C GLY A 51 -6.04 -8.29 20.39
N HIS A 52 -4.77 -8.41 20.04
CA HIS A 52 -3.94 -9.57 20.37
C HIS A 52 -4.26 -10.74 19.47
N PHE A 53 -4.99 -10.46 18.40
CA PHE A 53 -5.35 -11.47 17.42
C PHE A 53 -4.40 -11.37 16.23
N VAL A 54 -4.10 -12.50 15.61
CA VAL A 54 -3.29 -12.49 14.40
C VAL A 54 -4.13 -13.22 13.34
N VAL A 55 -3.97 -12.82 12.08
CA VAL A 55 -4.71 -13.44 10.98
C VAL A 55 -4.03 -14.74 10.60
N ALA A 56 -4.74 -15.86 10.74
CA ALA A 56 -4.19 -17.18 10.43
C ALA A 56 -4.57 -17.64 9.02
N ARG A 57 -5.72 -17.18 8.56
CA ARG A 57 -6.18 -17.53 7.22
C ARG A 57 -7.22 -16.54 6.74
N MSE A 58 -7.18 -16.26 5.45
CA MSE A 58 -8.14 -15.38 4.81
C MSE A 58 -8.56 -16.04 3.51
O MSE A 58 -7.72 -16.43 2.71
CB MSE A 58 -7.53 -14.00 4.54
CG MSE A 58 -7.43 -13.08 5.76
SE MSE A 58 -8.99 -12.42 6.41
CE MSE A 58 -10.06 -12.52 4.96
N GLU A 59 -9.87 -16.18 3.32
CA GLU A 59 -10.44 -16.77 2.12
C GLU A 59 -11.27 -15.67 1.49
N VAL A 60 -10.87 -15.21 0.32
CA VAL A 60 -11.60 -14.12 -0.31
C VAL A 60 -12.10 -14.46 -1.70
N ASP A 61 -13.39 -14.21 -1.91
CA ASP A 61 -14.03 -14.39 -3.21
C ASP A 61 -14.26 -12.98 -3.76
N TYR A 62 -13.68 -12.71 -4.92
CA TYR A 62 -13.80 -11.41 -5.60
C TYR A 62 -14.96 -11.58 -6.58
N LEU A 63 -16.09 -10.97 -6.23
CA LEU A 63 -17.32 -11.08 -7.01
C LEU A 63 -17.52 -10.07 -8.12
N ARG A 64 -17.16 -8.82 -7.85
CA ARG A 64 -17.32 -7.75 -8.83
C ARG A 64 -16.16 -6.79 -8.65
N PRO A 65 -15.63 -6.24 -9.76
CA PRO A 65 -14.51 -5.31 -9.66
C PRO A 65 -14.94 -3.99 -9.02
N ILE A 66 -14.03 -3.37 -8.28
CA ILE A 66 -14.31 -2.07 -7.67
C ILE A 66 -13.58 -1.02 -8.47
N LEU A 67 -14.31 0.01 -8.87
CA LEU A 67 -13.76 1.09 -9.68
C LEU A 67 -13.60 2.37 -8.87
N LEU A 68 -12.79 3.28 -9.38
CA LEU A 68 -12.57 4.56 -8.72
C LEU A 68 -13.91 5.26 -8.68
N GLY A 69 -14.23 5.89 -7.55
CA GLY A 69 -15.50 6.59 -7.46
C GLY A 69 -16.66 5.77 -6.93
N ASP A 70 -16.48 4.45 -6.80
CA ASP A 70 -17.55 3.61 -6.28
C ASP A 70 -17.81 3.91 -4.83
N GLU A 71 -19.07 3.76 -4.41
CA GLU A 71 -19.42 3.96 -3.01
C GLU A 71 -19.22 2.59 -2.39
N VAL A 72 -18.24 2.50 -1.51
CA VAL A 72 -17.88 1.25 -0.86
C VAL A 72 -18.17 1.21 0.65
N PHE A 73 -18.80 0.12 1.09
CA PHE A 73 -19.09 -0.12 2.50
C PHE A 73 -18.58 -1.52 2.82
N VAL A 74 -18.13 -1.71 4.05
CA VAL A 74 -17.63 -3.00 4.47
C VAL A 74 -18.23 -3.40 5.80
N GLY A 75 -18.85 -4.56 5.84
CA GLY A 75 -19.43 -5.05 7.07
C GLY A 75 -18.62 -6.23 7.57
N VAL A 76 -18.69 -6.49 8.87
CA VAL A 76 -17.96 -7.61 9.43
C VAL A 76 -18.74 -8.20 10.61
N ARG A 77 -18.69 -9.53 10.73
CA ARG A 77 -19.39 -10.24 11.80
C ARG A 77 -18.65 -11.53 12.17
N THR A 78 -18.89 -12.01 13.38
CA THR A 78 -18.28 -13.26 13.83
C THR A 78 -19.24 -14.39 13.47
N VAL A 79 -18.74 -15.41 12.78
CA VAL A 79 -19.60 -16.53 12.39
C VAL A 79 -19.21 -17.83 13.08
N GLY A 80 -18.14 -17.79 13.85
CA GLY A 80 -17.70 -18.97 14.57
C GLY A 80 -16.82 -18.59 15.74
N LEU A 81 -16.97 -19.31 16.85
CA LEU A 81 -16.15 -19.05 18.02
C LEU A 81 -15.50 -20.37 18.41
N GLY A 82 -14.19 -20.47 18.27
CA GLY A 82 -13.51 -21.71 18.60
C GLY A 82 -12.85 -21.71 19.97
N ARG A 83 -11.66 -22.28 20.07
CA ARG A 83 -10.95 -22.30 21.34
C ARG A 83 -10.06 -21.06 21.40
N SER A 84 -9.03 -21.02 20.55
CA SER A 84 -8.15 -19.86 20.49
C SER A 84 -8.47 -19.08 19.21
N SER A 85 -9.35 -19.63 18.38
CA SER A 85 -9.71 -18.99 17.12
C SER A 85 -11.10 -18.34 17.06
N LEU A 86 -11.25 -17.47 16.08
CA LEU A 86 -12.47 -16.72 15.84
C LEU A 86 -12.64 -16.70 14.32
N ARG A 87 -13.84 -17.02 13.83
CA ARG A 87 -14.08 -17.02 12.39
C ARG A 87 -14.98 -15.83 12.04
N MSE A 88 -14.46 -14.94 11.19
CA MSE A 88 -15.18 -13.73 10.82
C MSE A 88 -15.48 -13.60 9.34
O MSE A 88 -14.65 -13.93 8.49
CB MSE A 88 -14.41 -12.50 11.31
CG MSE A 88 -13.97 -12.59 12.76
SE MSE A 88 -12.94 -11.22 13.36
CE MSE A 88 -14.26 -10.01 13.80
N GLU A 89 -16.68 -13.12 9.04
CA GLU A 89 -17.11 -12.91 7.67
C GLU A 89 -17.09 -11.42 7.42
N HIS A 90 -16.50 -11.01 6.29
CA HIS A 90 -16.41 -9.60 5.94
C HIS A 90 -17.08 -9.46 4.57
N LEU A 91 -17.95 -8.45 4.41
CA LEU A 91 -18.61 -8.22 3.14
C LEU A 91 -18.33 -6.82 2.61
N VAL A 92 -17.72 -6.75 1.44
CA VAL A 92 -17.43 -5.47 0.81
C VAL A 92 -18.46 -5.26 -0.29
N THR A 93 -19.15 -4.13 -0.27
CA THR A 93 -20.13 -3.86 -1.31
C THR A 93 -19.67 -2.63 -2.07
N ALA A 94 -20.00 -2.56 -3.35
CA ALA A 94 -19.66 -1.42 -4.19
C ALA A 94 -20.95 -0.99 -4.86
N ASN A 95 -21.36 0.24 -4.59
CA ASN A 95 -22.60 0.75 -5.15
C ASN A 95 -23.78 -0.18 -4.80
N GLY A 96 -23.79 -0.67 -3.57
CA GLY A 96 -24.88 -1.54 -3.13
C GLY A 96 -24.78 -2.99 -3.54
N GLU A 97 -23.85 -3.30 -4.44
CA GLU A 97 -23.67 -4.68 -4.90
C GLU A 97 -22.55 -5.36 -4.12
N SER A 98 -22.69 -6.66 -3.89
CA SER A 98 -21.64 -7.40 -3.18
C SER A 98 -20.44 -7.43 -4.12
N ALA A 99 -19.27 -7.06 -3.62
CA ALA A 99 -18.09 -7.04 -4.46
C ALA A 99 -17.08 -8.11 -4.06
N ALA A 100 -17.05 -8.43 -2.76
CA ALA A 100 -16.13 -9.45 -2.27
C ALA A 100 -16.56 -9.94 -0.89
N LYS A 101 -16.32 -11.22 -0.66
CA LYS A 101 -16.67 -11.84 0.60
C LYS A 101 -15.39 -12.45 1.13
N GLY A 102 -15.07 -12.16 2.38
CA GLY A 102 -13.86 -12.70 2.96
C GLY A 102 -14.14 -13.41 4.27
N LEU A 103 -13.63 -14.64 4.39
CA LEU A 103 -13.81 -15.38 5.63
C LEU A 103 -12.42 -15.43 6.24
N GLY A 104 -12.29 -14.89 7.45
CA GLY A 104 -11.00 -14.90 8.09
C GLY A 104 -10.97 -15.67 9.38
N VAL A 105 -9.84 -16.33 9.64
CA VAL A 105 -9.68 -17.06 10.89
C VAL A 105 -8.66 -16.24 11.67
N LEU A 106 -9.11 -15.70 12.80
CA LEU A 106 -8.26 -14.90 13.67
C LEU A 106 -7.86 -15.76 14.87
N VAL A 107 -6.62 -15.58 15.33
CA VAL A 107 -6.12 -16.39 16.45
C VAL A 107 -5.62 -15.51 17.60
N TRP A 108 -6.14 -15.78 18.79
CA TRP A 108 -5.76 -15.06 20.00
C TRP A 108 -4.40 -15.55 20.48
N LEU A 109 -3.47 -14.62 20.71
CA LEU A 109 -2.13 -14.97 21.16
C LEU A 109 -1.81 -14.41 22.54
N GLU A 110 -1.07 -15.20 23.31
CA GLU A 110 -0.60 -14.82 24.63
C GLU A 110 0.84 -15.30 24.68
N GLY A 111 1.78 -14.37 24.86
CA GLY A 111 3.18 -14.75 24.89
C GLY A 111 3.57 -15.18 23.49
N GLY A 112 2.80 -14.72 22.51
CA GLY A 112 3.08 -15.06 21.13
C GLY A 112 2.63 -16.44 20.69
N ARG A 113 1.84 -17.12 21.52
CA ARG A 113 1.34 -18.45 21.20
C ARG A 113 -0.18 -18.49 21.29
N PRO A 114 -0.82 -19.37 20.51
CA PRO A 114 -2.29 -19.46 20.56
C PRO A 114 -2.72 -19.79 21.99
N ALA A 115 -3.81 -19.16 22.43
CA ALA A 115 -4.35 -19.39 23.77
C ALA A 115 -5.86 -19.21 23.68
N PRO A 116 -6.61 -19.89 24.56
CA PRO A 116 -8.07 -19.78 24.54
C PRO A 116 -8.54 -18.33 24.67
N LEU A 117 -9.45 -17.90 23.81
CA LEU A 117 -9.97 -16.54 23.90
C LEU A 117 -10.51 -16.33 25.30
N PRO A 118 -10.19 -15.18 25.93
CA PRO A 118 -10.68 -14.92 27.29
C PRO A 118 -12.21 -14.81 27.28
N GLU A 119 -12.84 -15.22 28.37
CA GLU A 119 -14.29 -15.15 28.46
C GLU A 119 -14.78 -13.71 28.30
N ALA A 120 -13.99 -12.74 28.75
CA ALA A 120 -14.36 -11.33 28.64
C ALA A 120 -14.60 -10.94 27.19
N ILE A 121 -13.74 -11.42 26.30
CA ILE A 121 -13.88 -11.13 24.87
C ILE A 121 -15.06 -11.89 24.29
N ARG A 122 -15.23 -13.15 24.71
CA ARG A 122 -16.33 -13.97 24.20
C ARG A 122 -17.70 -13.34 24.50
N GLU A 123 -17.90 -12.85 25.72
CA GLU A 123 -19.19 -12.26 26.05
C GLU A 123 -19.44 -10.96 25.28
N ARG A 124 -18.40 -10.17 25.05
CA ARG A 124 -18.59 -8.93 24.31
C ARG A 124 -18.97 -9.25 22.86
N ILE A 125 -18.45 -10.35 22.35
CA ILE A 125 -18.76 -10.77 20.98
C ILE A 125 -20.20 -11.28 20.92
N ARG A 126 -20.59 -12.08 21.91
CA ARG A 126 -21.96 -12.60 21.92
C ARG A 126 -22.96 -11.47 22.01
N ALA A 127 -22.62 -10.45 22.79
CA ALA A 127 -23.50 -9.30 22.95
C ALA A 127 -23.58 -8.51 21.65
N LEU A 128 -22.44 -8.31 21.01
CA LEU A 128 -22.37 -7.56 19.76
C LEU A 128 -23.19 -8.23 18.67
N GLU A 129 -23.04 -9.55 18.56
CA GLU A 129 -23.74 -10.34 17.56
C GLU A 129 -25.18 -10.62 17.97
N GLY A 130 -25.43 -10.57 19.28
CA GLY A 130 -26.77 -10.86 19.77
C GLY A 130 -27.06 -12.34 19.61
N ARG A 131 -26.04 -13.17 19.83
CA ARG A 131 -26.19 -14.61 19.70
C ARG A 131 -25.29 -15.37 20.67
N PRO A 132 -25.67 -16.61 21.01
CA PRO A 132 -24.91 -17.46 21.93
C PRO A 132 -23.72 -18.18 21.27
N MSE B 1 -13.87 22.58 0.29
CA MSE B 1 -12.75 23.22 1.04
C MSE B 1 -12.46 24.62 0.50
O MSE B 1 -12.28 24.80 -0.71
CB MSE B 1 -11.48 22.35 0.96
CG MSE B 1 -10.34 22.85 1.84
SE MSE B 1 -8.76 21.70 1.73
CE MSE B 1 -9.49 20.17 2.67
N GLU B 2 -12.42 25.60 1.39
CA GLU B 2 -12.16 26.99 1.04
C GLU B 2 -10.83 27.21 0.31
N GLY B 3 -10.92 27.72 -0.92
CA GLY B 3 -9.72 27.99 -1.71
C GLY B 3 -9.36 26.91 -2.71
N PHE B 4 -10.07 25.79 -2.68
CA PHE B 4 -9.79 24.68 -3.58
C PHE B 4 -11.01 24.29 -4.42
N PRO B 5 -10.83 24.22 -5.75
CA PRO B 5 -11.93 23.84 -6.65
C PRO B 5 -12.31 22.38 -6.56
N VAL B 6 -11.38 21.54 -6.10
CA VAL B 6 -11.63 20.12 -5.97
C VAL B 6 -11.23 19.60 -4.60
N ARG B 7 -12.09 18.76 -4.02
CA ARG B 7 -11.78 18.18 -2.72
C ARG B 7 -12.40 16.80 -2.58
N VAL B 8 -11.76 15.96 -1.79
CA VAL B 8 -12.24 14.59 -1.58
C VAL B 8 -12.16 14.19 -0.12
N ARG B 9 -12.97 13.21 0.27
CA ARG B 9 -12.92 12.74 1.63
C ARG B 9 -12.13 11.45 1.61
N VAL B 10 -11.39 11.22 2.69
CA VAL B 10 -10.54 10.05 2.81
C VAL B 10 -10.85 9.34 4.12
N ASP B 11 -10.88 8.01 4.08
CA ASP B 11 -11.12 7.26 5.30
C ASP B 11 -9.76 6.69 5.70
N VAL B 12 -9.34 6.98 6.92
CA VAL B 12 -8.05 6.49 7.41
C VAL B 12 -8.14 4.99 7.66
N ARG B 13 -7.22 4.23 7.08
CA ARG B 13 -7.24 2.78 7.25
C ARG B 13 -6.23 2.33 8.28
N PHE B 14 -6.46 1.16 8.87
CA PHE B 14 -5.53 0.63 9.85
C PHE B 14 -4.19 0.45 9.15
N ARG B 15 -4.26 0.03 7.88
CA ARG B 15 -3.08 -0.21 7.06
C ARG B 15 -2.26 1.08 6.80
N ASP B 16 -2.88 2.25 6.95
CA ASP B 16 -2.17 3.52 6.73
C ASP B 16 -1.24 3.92 7.88
N LEU B 17 -1.36 3.25 9.02
CA LEU B 17 -0.61 3.67 10.20
C LEU B 17 0.79 3.17 10.51
N ASP B 18 1.59 4.06 11.10
CA ASP B 18 2.92 3.68 11.56
C ASP B 18 2.60 2.98 12.87
N PRO B 19 3.54 2.19 13.42
CA PRO B 19 3.29 1.47 14.67
C PRO B 19 2.72 2.31 15.82
N LEU B 20 3.14 3.57 15.94
CA LEU B 20 2.65 4.44 17.01
C LEU B 20 1.19 4.86 16.85
N GLY B 21 0.58 4.53 15.72
CA GLY B 21 -0.82 4.90 15.55
C GLY B 21 -1.16 6.16 14.76
N HIS B 22 -0.22 6.72 14.02
CA HIS B 22 -0.53 7.89 13.21
C HIS B 22 -0.26 7.50 11.77
N VAL B 23 -0.81 8.25 10.82
CA VAL B 23 -0.63 7.95 9.40
C VAL B 23 0.81 8.09 8.94
N ASN B 24 1.26 7.12 8.13
CA ASN B 24 2.62 7.10 7.61
C ASN B 24 2.91 8.24 6.63
N ASN B 25 4.13 8.77 6.67
CA ASN B 25 4.52 9.89 5.82
C ASN B 25 4.25 9.69 4.32
N ALA B 26 4.47 8.51 3.79
CA ALA B 26 4.23 8.29 2.36
C ALA B 26 2.73 8.21 2.04
N VAL B 27 1.94 7.68 2.96
CA VAL B 27 0.50 7.56 2.72
C VAL B 27 -0.14 8.93 2.49
N PHE B 28 0.38 9.97 3.13
CA PHE B 28 -0.14 11.33 2.94
C PHE B 28 -0.15 11.69 1.46
N LEU B 29 0.89 11.26 0.73
CA LEU B 29 0.95 11.56 -0.72
C LEU B 29 -0.12 10.81 -1.51
N SER B 30 -0.56 9.67 -0.99
CA SER B 30 -1.62 8.92 -1.63
C SER B 30 -2.95 9.64 -1.41
N TYR B 31 -3.09 10.29 -0.24
CA TYR B 31 -4.30 11.05 0.07
C TYR B 31 -4.34 12.22 -0.90
N MSE B 32 -3.19 12.87 -1.05
CA MSE B 32 -3.07 14.04 -1.92
C MSE B 32 -3.38 13.68 -3.37
O MSE B 32 -4.07 14.40 -4.08
CB MSE B 32 -1.66 14.64 -1.81
CG MSE B 32 -1.37 15.33 -0.47
SE MSE B 32 0.36 15.95 -0.28
CE MSE B 32 0.23 16.74 1.29
N GLU B 33 -2.86 12.55 -3.79
CA GLU B 33 -3.05 12.07 -5.16
C GLU B 33 -4.52 11.83 -5.52
N LEU B 34 -5.30 11.27 -4.59
CA LEU B 34 -6.70 11.02 -4.91
C LEU B 34 -7.37 12.34 -5.33
N ALA B 35 -7.05 13.42 -4.62
CA ALA B 35 -7.63 14.72 -4.95
C ALA B 35 -7.12 15.18 -6.33
N ARG B 36 -5.82 15.02 -6.56
CA ARG B 36 -5.23 15.42 -7.84
C ARG B 36 -5.81 14.64 -9.03
N ILE B 37 -6.08 13.36 -8.83
CA ILE B 37 -6.63 12.54 -9.91
C ILE B 37 -8.06 12.97 -10.21
N ARG B 38 -8.80 13.35 -9.18
CA ARG B 38 -10.17 13.80 -9.35
C ARG B 38 -10.12 15.13 -10.10
N TYR B 39 -9.10 15.93 -9.77
CA TYR B 39 -8.92 17.23 -10.41
C TYR B 39 -8.59 17.00 -11.88
N PHE B 40 -7.78 15.98 -12.16
CA PHE B 40 -7.42 15.65 -13.54
C PHE B 40 -8.60 15.10 -14.35
N GLN B 41 -9.49 14.35 -13.69
CA GLN B 41 -10.65 13.80 -14.38
C GLN B 41 -11.43 14.93 -15.03
N ARG B 42 -11.20 16.15 -14.55
CA ARG B 42 -11.81 17.33 -15.11
C ARG B 42 -10.93 17.55 -16.35
N ILE B 43 -10.66 16.45 -17.03
CA ILE B 43 -9.81 16.39 -18.24
C ILE B 43 -10.40 17.23 -19.37
N ASP B 46 -6.04 10.27 -20.44
CA ASP B 46 -7.13 9.91 -19.50
C ASP B 46 -6.58 9.94 -18.09
N TRP B 47 -7.45 9.88 -17.09
CA TRP B 47 -7.01 9.91 -15.71
C TRP B 47 -6.18 8.67 -15.30
N LEU B 48 -6.41 7.53 -15.95
CA LEU B 48 -5.65 6.33 -15.60
C LEU B 48 -4.17 6.53 -15.93
N GLU B 49 -3.90 7.40 -16.90
CA GLU B 49 -2.53 7.68 -17.30
C GLU B 49 -2.09 8.95 -16.56
N GLU B 50 -2.81 9.27 -15.49
CA GLU B 50 -2.50 10.46 -14.71
C GLU B 50 -2.55 11.70 -15.61
N GLY B 51 -3.47 11.68 -16.58
CA GLY B 51 -3.61 12.80 -17.49
C GLY B 51 -2.36 13.10 -18.30
N HIS B 52 -1.50 12.09 -18.44
CA HIS B 52 -0.25 12.18 -19.18
C HIS B 52 0.80 12.97 -18.40
N PHE B 53 0.53 13.19 -17.12
CA PHE B 53 1.44 13.91 -16.24
C PHE B 53 2.21 12.94 -15.35
N VAL B 54 3.46 13.26 -15.05
CA VAL B 54 4.20 12.45 -14.09
C VAL B 54 4.65 13.45 -13.01
N VAL B 55 4.82 12.96 -11.79
CA VAL B 55 5.22 13.80 -10.68
C VAL B 55 6.75 14.01 -10.75
N ALA B 56 7.17 15.26 -10.87
CA ALA B 56 8.59 15.58 -10.95
C ALA B 56 9.16 15.99 -9.58
N ARG B 57 8.31 16.57 -8.75
CA ARG B 57 8.74 16.99 -7.41
C ARG B 57 7.54 17.11 -6.48
N MSE B 58 7.76 16.75 -5.23
CA MSE B 58 6.73 16.85 -4.20
C MSE B 58 7.42 17.40 -2.96
O MSE B 58 8.47 16.91 -2.56
CB MSE B 58 6.10 15.48 -3.88
CG MSE B 58 5.05 14.99 -4.87
SE MSE B 58 3.53 15.99 -5.00
CE MSE B 58 3.35 16.64 -3.40
N GLU B 59 6.84 18.45 -2.40
CA GLU B 59 7.36 19.07 -1.18
C GLU B 59 6.23 18.97 -0.19
N VAL B 60 6.42 18.19 0.87
CA VAL B 60 5.36 18.03 1.85
C VAL B 60 5.76 18.44 3.27
N ASP B 61 4.92 19.27 3.88
CA ASP B 61 5.10 19.71 5.25
C ASP B 61 4.04 18.96 6.05
N TYR B 62 4.47 18.17 7.03
CA TYR B 62 3.57 17.40 7.87
C TYR B 62 3.38 18.26 9.13
N LEU B 63 2.20 18.86 9.24
CA LEU B 63 1.87 19.79 10.31
C LEU B 63 1.25 19.15 11.54
N ARG B 64 0.39 18.18 11.33
CA ARG B 64 -0.27 17.50 12.44
C ARG B 64 -0.41 16.03 12.14
N PRO B 65 -0.24 15.18 13.15
CA PRO B 65 -0.38 13.75 12.89
C PRO B 65 -1.85 13.43 12.63
N ILE B 66 -2.09 12.43 11.79
CA ILE B 66 -3.46 12.01 11.50
C ILE B 66 -3.66 10.68 12.17
N LEU B 67 -4.79 10.53 12.86
CA LEU B 67 -5.11 9.31 13.59
C LEU B 67 -6.30 8.56 13.00
N LEU B 68 -6.40 7.28 13.34
CA LEU B 68 -7.50 6.47 12.86
C LEU B 68 -8.78 7.13 13.39
N GLY B 69 -9.80 7.23 12.55
CA GLY B 69 -11.04 7.84 12.99
C GLY B 69 -11.17 9.32 12.68
N ASP B 70 -10.06 9.98 12.32
CA ASP B 70 -10.09 11.40 11.99
C ASP B 70 -10.90 11.62 10.72
N GLU B 71 -11.63 12.73 10.68
CA GLU B 71 -12.39 13.08 9.47
C GLU B 71 -11.37 13.77 8.58
N VAL B 72 -11.06 13.16 7.44
CA VAL B 72 -10.06 13.71 6.54
C VAL B 72 -10.60 14.18 5.19
N PHE B 73 -10.15 15.37 4.79
CA PHE B 73 -10.54 15.94 3.51
C PHE B 73 -9.25 16.39 2.82
N VAL B 74 -9.23 16.36 1.50
CA VAL B 74 -8.06 16.79 0.76
C VAL B 74 -8.49 17.67 -0.38
N GLY B 75 -7.90 18.85 -0.47
CA GLY B 75 -8.27 19.74 -1.56
C GLY B 75 -7.04 19.96 -2.42
N VAL B 76 -7.24 20.26 -3.70
CA VAL B 76 -6.10 20.50 -4.58
C VAL B 76 -6.43 21.64 -5.55
N ARG B 77 -5.40 22.32 -6.01
CA ARG B 77 -5.54 23.44 -6.94
C ARG B 77 -4.21 23.72 -7.64
N THR B 78 -4.30 24.24 -8.85
CA THR B 78 -3.11 24.59 -9.62
C THR B 78 -2.75 26.02 -9.22
N VAL B 79 -1.48 26.25 -8.90
CA VAL B 79 -1.07 27.60 -8.52
C VAL B 79 -0.12 28.23 -9.55
N GLY B 80 0.31 27.46 -10.53
CA GLY B 80 1.19 28.00 -11.54
C GLY B 80 1.25 27.15 -12.78
N LEU B 81 1.31 27.79 -13.95
CA LEU B 81 1.36 27.10 -15.23
C LEU B 81 2.75 27.29 -15.85
N GLY B 82 3.42 26.18 -16.17
CA GLY B 82 4.73 26.26 -16.79
C GLY B 82 4.64 25.96 -18.28
N ARG B 83 5.75 25.56 -18.89
CA ARG B 83 5.73 25.22 -20.31
C ARG B 83 5.21 23.79 -20.46
N SER B 84 5.89 22.85 -19.81
CA SER B 84 5.46 21.46 -19.85
C SER B 84 5.07 21.02 -18.44
N SER B 85 5.10 21.95 -17.49
CA SER B 85 4.78 21.63 -16.09
C SER B 85 3.65 22.47 -15.47
N LEU B 86 3.14 21.94 -14.35
CA LEU B 86 2.08 22.53 -13.55
C LEU B 86 2.59 22.49 -12.13
N ARG B 87 2.25 23.52 -11.34
CA ARG B 87 2.61 23.57 -9.93
C ARG B 87 1.28 23.49 -9.21
N MSE B 88 1.09 22.47 -8.41
CA MSE B 88 -0.17 22.27 -7.68
C MSE B 88 0.00 22.24 -6.16
O MSE B 88 0.98 21.71 -5.64
CB MSE B 88 -0.84 20.96 -8.13
CG MSE B 88 -0.92 20.80 -9.64
SE MSE B 88 -1.69 19.25 -10.21
CE MSE B 88 -3.45 19.75 -10.09
N GLU B 89 -0.98 22.81 -5.46
CA GLU B 89 -0.97 22.82 -3.99
C GLU B 89 -2.00 21.82 -3.49
N HIS B 90 -1.65 21.02 -2.50
CA HIS B 90 -2.56 20.04 -1.93
C HIS B 90 -2.65 20.36 -0.45
N LEU B 91 -3.84 20.28 0.11
CA LEU B 91 -4.03 20.56 1.53
C LEU B 91 -4.87 19.45 2.16
N VAL B 92 -4.29 18.76 3.14
CA VAL B 92 -5.00 17.69 3.82
C VAL B 92 -5.42 18.21 5.17
N THR B 93 -6.70 18.09 5.48
CA THR B 93 -7.18 18.55 6.78
C THR B 93 -7.66 17.33 7.55
N ALA B 94 -7.50 17.38 8.88
CA ALA B 94 -7.94 16.29 9.74
C ALA B 94 -8.74 16.92 10.87
N ASN B 95 -10.02 16.56 10.95
CA ASN B 95 -10.90 17.11 11.99
C ASN B 95 -10.95 18.63 11.84
N GLY B 96 -10.91 19.11 10.61
CA GLY B 96 -10.97 20.54 10.36
C GLY B 96 -9.70 21.34 10.59
N GLU B 97 -8.58 20.67 10.83
CA GLU B 97 -7.31 21.36 11.05
C GLU B 97 -6.33 20.97 9.93
N SER B 98 -5.45 21.90 9.55
CA SER B 98 -4.46 21.61 8.51
C SER B 98 -3.46 20.58 9.03
N ALA B 99 -3.45 19.41 8.39
CA ALA B 99 -2.56 18.33 8.77
C ALA B 99 -1.28 18.25 7.93
N ALA B 100 -1.37 18.64 6.66
CA ALA B 100 -0.20 18.61 5.78
C ALA B 100 -0.44 19.40 4.51
N LYS B 101 0.61 20.01 4.00
CA LYS B 101 0.52 20.80 2.78
C LYS B 101 1.55 20.24 1.82
N GLY B 102 1.13 20.02 0.58
CA GLY B 102 2.03 19.49 -0.43
C GLY B 102 2.05 20.34 -1.69
N LEU B 103 3.25 20.72 -2.12
CA LEU B 103 3.40 21.52 -3.33
C LEU B 103 4.01 20.56 -4.33
N GLY B 104 3.30 20.31 -5.42
CA GLY B 104 3.82 19.38 -6.40
C GLY B 104 4.08 20.01 -7.76
N VAL B 105 5.01 19.41 -8.47
CA VAL B 105 5.33 19.87 -9.81
C VAL B 105 5.05 18.68 -10.69
N LEU B 106 4.13 18.85 -11.64
CA LEU B 106 3.77 17.77 -12.54
C LEU B 106 4.18 18.14 -13.96
N VAL B 107 4.75 17.17 -14.66
CA VAL B 107 5.25 17.41 -16.01
C VAL B 107 4.49 16.61 -17.05
N TRP B 108 4.05 17.33 -18.08
CA TRP B 108 3.29 16.76 -19.18
C TRP B 108 4.21 15.98 -20.10
N LEU B 109 3.85 14.72 -20.38
CA LEU B 109 4.68 13.90 -21.26
C LEU B 109 4.01 13.53 -22.59
N GLU B 110 4.83 13.47 -23.63
CA GLU B 110 4.41 13.06 -24.96
C GLU B 110 5.53 12.18 -25.49
N GLY B 111 5.25 10.90 -25.68
CA GLY B 111 6.27 9.99 -26.15
C GLY B 111 7.24 9.74 -25.01
N GLY B 112 6.74 9.86 -23.79
CA GLY B 112 7.57 9.65 -22.61
C GLY B 112 8.58 10.75 -22.39
N ARG B 113 8.40 11.86 -23.10
CA ARG B 113 9.31 13.01 -23.00
C ARG B 113 8.52 14.26 -22.71
N PRO B 114 9.08 15.19 -21.91
CA PRO B 114 8.36 16.42 -21.59
C PRO B 114 7.98 17.15 -22.87
N ALA B 115 6.73 17.58 -22.95
CA ALA B 115 6.23 18.33 -24.10
C ALA B 115 5.40 19.48 -23.56
N PRO B 116 5.28 20.57 -24.35
CA PRO B 116 4.51 21.72 -23.90
C PRO B 116 3.06 21.36 -23.56
N LEU B 117 2.55 21.93 -22.47
CA LEU B 117 1.18 21.67 -22.08
C LEU B 117 0.30 22.15 -23.21
N PRO B 118 -0.63 21.31 -23.68
CA PRO B 118 -1.53 21.73 -24.76
C PRO B 118 -2.34 22.94 -24.36
N GLU B 119 -2.57 23.84 -25.31
CA GLU B 119 -3.35 25.05 -25.06
C GLU B 119 -4.71 24.69 -24.47
N ALA B 120 -5.25 23.56 -24.89
CA ALA B 120 -6.55 23.10 -24.41
C ALA B 120 -6.53 22.84 -22.91
N ILE B 121 -5.50 22.15 -22.42
CA ILE B 121 -5.41 21.85 -21.00
C ILE B 121 -5.25 23.14 -20.19
N ARG B 122 -4.43 24.07 -20.69
CA ARG B 122 -4.21 25.34 -20.01
C ARG B 122 -5.51 26.07 -19.75
N GLU B 123 -6.36 26.16 -20.77
CA GLU B 123 -7.63 26.85 -20.63
C GLU B 123 -8.62 26.16 -19.69
N ARG B 124 -8.60 24.83 -19.65
CA ARG B 124 -9.50 24.10 -18.78
C ARG B 124 -9.10 24.34 -17.34
N ILE B 125 -7.80 24.44 -17.09
CA ILE B 125 -7.32 24.71 -15.73
C ILE B 125 -7.75 26.12 -15.32
N ARG B 126 -7.53 27.08 -16.20
CA ARG B 126 -7.91 28.46 -15.90
C ARG B 126 -9.41 28.58 -15.62
N ALA B 127 -10.23 27.95 -16.47
CA ALA B 127 -11.68 28.00 -16.29
C ALA B 127 -12.06 27.34 -14.96
N LEU B 128 -11.45 26.20 -14.69
CA LEU B 128 -11.71 25.45 -13.45
C LEU B 128 -11.35 26.24 -12.19
N GLU B 129 -10.18 26.86 -12.18
CA GLU B 129 -9.69 27.63 -11.03
C GLU B 129 -10.44 28.92 -10.74
N GLY B 130 -10.72 29.72 -11.77
CA GLY B 130 -11.43 30.97 -11.54
C GLY B 130 -10.61 31.92 -10.67
N ARG B 131 -9.29 31.72 -10.71
CA ARG B 131 -8.35 32.55 -9.95
C ARG B 131 -7.25 32.81 -10.97
N PRO B 132 -6.63 34.00 -10.93
CA PRO B 132 -5.56 34.35 -11.87
C PRO B 132 -4.44 33.31 -11.97
N MSE C 1 13.79 -21.74 -5.72
CA MSE C 1 12.90 -22.53 -4.81
C MSE C 1 12.49 -23.84 -5.48
O MSE C 1 11.84 -23.82 -6.52
CB MSE C 1 11.65 -21.72 -4.45
CG MSE C 1 10.84 -22.31 -3.32
SE MSE C 1 9.37 -21.16 -2.83
CE MSE C 1 10.40 -19.55 -2.43
N GLU C 2 12.89 -24.96 -4.88
CA GLU C 2 12.56 -26.27 -5.43
C GLU C 2 11.07 -26.45 -5.60
N GLY C 3 10.65 -26.95 -6.76
CA GLY C 3 9.24 -27.19 -7.01
C GLY C 3 8.48 -26.05 -7.65
N PHE C 4 9.11 -24.88 -7.77
CA PHE C 4 8.46 -23.72 -8.38
C PHE C 4 9.32 -23.21 -9.52
N PRO C 5 8.72 -23.04 -10.71
CA PRO C 5 9.45 -22.56 -11.90
C PRO C 5 9.83 -21.09 -11.84
N VAL C 6 9.16 -20.34 -10.98
CA VAL C 6 9.44 -18.91 -10.85
C VAL C 6 9.48 -18.51 -9.38
N ARG C 7 10.49 -17.73 -9.00
CA ARG C 7 10.61 -17.27 -7.63
C ARG C 7 11.22 -15.88 -7.64
N VAL C 8 10.86 -15.06 -6.67
CA VAL C 8 11.39 -13.70 -6.59
C VAL C 8 11.79 -13.39 -5.16
N ARG C 9 12.69 -12.42 -4.99
CA ARG C 9 13.09 -12.07 -3.65
C ARG C 9 12.33 -10.79 -3.28
N VAL C 10 11.97 -10.69 -2.01
CA VAL C 10 11.24 -9.52 -1.54
C VAL C 10 11.99 -8.94 -0.35
N ASP C 11 12.03 -7.61 -0.27
CA ASP C 11 12.68 -6.94 0.84
C ASP C 11 11.55 -6.37 1.71
N VAL C 12 11.53 -6.75 2.98
CA VAL C 12 10.47 -6.29 3.89
C VAL C 12 10.64 -4.82 4.23
N ARG C 13 9.58 -4.05 3.99
CA ARG C 13 9.59 -2.62 4.25
C ARG C 13 8.99 -2.26 5.60
N PHE C 14 9.41 -1.14 6.16
CA PHE C 14 8.85 -0.71 7.44
C PHE C 14 7.37 -0.48 7.17
N ARG C 15 7.07 0.03 5.98
CA ARG C 15 5.69 0.32 5.57
C ARG C 15 4.82 -0.94 5.52
N ASP C 16 5.45 -2.12 5.44
CA ASP C 16 4.70 -3.38 5.37
C ASP C 16 4.18 -3.89 6.70
N LEU C 17 4.68 -3.31 7.79
CA LEU C 17 4.36 -3.79 9.15
C LEU C 17 3.12 -3.32 9.90
N ASP C 18 2.55 -4.25 10.68
CA ASP C 18 1.44 -3.93 11.57
C ASP C 18 2.16 -3.30 12.76
N PRO C 19 1.44 -2.59 13.65
CA PRO C 19 2.09 -1.96 14.80
C PRO C 19 3.00 -2.85 15.66
N LEU C 20 2.70 -4.15 15.71
CA LEU C 20 3.53 -5.07 16.52
C LEU C 20 4.83 -5.47 15.84
N GLY C 21 5.08 -4.96 14.64
CA GLY C 21 6.32 -5.28 13.96
C GLY C 21 6.36 -6.49 13.05
N HIS C 22 5.22 -6.98 12.60
CA HIS C 22 5.22 -8.11 11.67
C HIS C 22 4.47 -7.65 10.43
N VAL C 23 4.69 -8.34 9.32
CA VAL C 23 4.07 -7.98 8.06
C VAL C 23 2.55 -8.13 8.05
N ASN C 24 1.87 -7.10 7.53
CA ASN C 24 0.42 -7.06 7.45
C ASN C 24 -0.18 -8.16 6.56
N ASN C 25 -1.33 -8.72 6.96
CA ASN C 25 -1.97 -9.80 6.20
C ASN C 25 -2.20 -9.50 4.72
N ALA C 26 -2.58 -8.27 4.40
CA ALA C 26 -2.83 -7.92 3.00
C ALA C 26 -1.53 -7.84 2.20
N VAL C 27 -0.47 -7.37 2.84
CA VAL C 27 0.79 -7.23 2.14
C VAL C 27 1.35 -8.56 1.65
N PHE C 28 1.03 -9.63 2.35
CA PHE C 28 1.46 -10.97 1.96
C PHE C 28 0.97 -11.27 0.55
N LEU C 29 -0.22 -10.79 0.23
CA LEU C 29 -0.77 -11.03 -1.10
C LEU C 29 0.00 -10.26 -2.18
N SER C 30 0.57 -9.12 -1.79
CA SER C 30 1.35 -8.32 -2.73
C SER C 30 2.68 -9.01 -3.01
N TYR C 31 3.20 -9.72 -2.00
CA TYR C 31 4.45 -10.48 -2.13
C TYR C 31 4.18 -11.60 -3.14
N MSE C 32 3.10 -12.33 -2.90
CA MSE C 32 2.70 -13.44 -3.79
C MSE C 32 2.49 -12.91 -5.20
O MSE C 32 2.91 -13.53 -6.18
CB MSE C 32 1.41 -14.08 -3.27
CG MSE C 32 1.50 -14.72 -1.89
SE MSE C 32 -0.06 -15.44 -1.25
CE MSE C 32 0.59 -16.38 0.11
N GLU C 33 1.81 -11.78 -5.30
CA GLU C 33 1.53 -11.16 -6.59
C GLU C 33 2.77 -10.86 -7.42
N LEU C 34 3.86 -10.45 -6.76
CA LEU C 34 5.06 -10.13 -7.53
C LEU C 34 5.55 -11.37 -8.28
N ALA C 35 5.52 -12.52 -7.62
CA ALA C 35 5.95 -13.75 -8.27
C ALA C 35 5.00 -14.13 -9.40
N ARG C 36 3.70 -13.99 -9.15
CA ARG C 36 2.69 -14.33 -10.14
C ARG C 36 2.85 -13.47 -11.38
N ILE C 37 3.12 -12.19 -11.20
CA ILE C 37 3.30 -11.30 -12.33
C ILE C 37 4.56 -11.67 -13.11
N ARG C 38 5.65 -11.93 -12.38
CA ARG C 38 6.91 -12.31 -13.03
C ARG C 38 6.68 -13.58 -13.87
N TYR C 39 5.84 -14.47 -13.35
CA TYR C 39 5.48 -15.71 -14.03
C TYR C 39 4.69 -15.37 -15.31
N PHE C 40 3.67 -14.51 -15.19
CA PHE C 40 2.88 -14.12 -16.35
C PHE C 40 3.76 -13.45 -17.40
N GLN C 41 4.80 -12.75 -16.95
CA GLN C 41 5.71 -12.08 -17.89
C GLN C 41 6.40 -13.11 -18.77
N ARG C 42 6.53 -14.33 -18.25
CA ARG C 42 7.18 -15.41 -18.99
C ARG C 42 6.25 -15.96 -20.05
N ILE C 43 4.95 -15.82 -19.84
CA ILE C 43 3.98 -16.34 -20.79
C ILE C 43 3.36 -15.29 -21.71
N SER C 44 3.30 -14.04 -21.27
CA SER C 44 2.68 -13.01 -22.09
C SER C 44 3.20 -11.59 -21.93
N PRO C 45 3.09 -10.77 -23.00
CA PRO C 45 3.55 -9.38 -22.99
C PRO C 45 2.59 -8.47 -22.23
N ASP C 46 1.31 -8.82 -22.20
CA ASP C 46 0.34 -8.00 -21.49
C ASP C 46 0.35 -8.19 -19.98
N TRP C 47 1.54 -8.12 -19.37
CA TRP C 47 1.66 -8.29 -17.94
C TRP C 47 1.06 -7.14 -17.12
N LEU C 48 1.04 -5.93 -17.66
CA LEU C 48 0.44 -4.80 -16.95
C LEU C 48 -1.05 -5.05 -16.79
N GLU C 49 -1.61 -5.75 -17.76
CA GLU C 49 -3.03 -6.08 -17.73
C GLU C 49 -3.20 -7.41 -16.97
N GLU C 50 -2.16 -7.78 -16.24
CA GLU C 50 -2.14 -9.02 -15.45
C GLU C 50 -2.39 -10.27 -16.30
N GLY C 51 -1.81 -10.27 -17.51
CA GLY C 51 -1.97 -11.41 -18.39
C GLY C 51 -3.39 -11.63 -18.82
N HIS C 52 -4.22 -10.63 -18.58
CA HIS C 52 -5.63 -10.66 -18.92
C HIS C 52 -6.42 -11.55 -17.95
N PHE C 53 -5.80 -11.87 -16.82
CA PHE C 53 -6.47 -12.66 -15.78
C PHE C 53 -6.91 -11.71 -14.68
N VAL C 54 -7.97 -12.07 -13.97
CA VAL C 54 -8.38 -11.29 -12.81
C VAL C 54 -8.41 -12.33 -11.69
N VAL C 55 -8.17 -11.89 -10.47
CA VAL C 55 -8.18 -12.80 -9.33
C VAL C 55 -9.63 -13.01 -8.91
N ALA C 56 -10.09 -14.26 -8.93
CA ALA C 56 -11.46 -14.59 -8.53
C ALA C 56 -11.51 -15.03 -7.07
N ARG C 57 -10.44 -15.63 -6.60
CA ARG C 57 -10.40 -16.12 -5.23
C ARG C 57 -8.94 -16.30 -4.81
N MSE C 58 -8.68 -16.03 -3.54
CA MSE C 58 -7.37 -16.22 -2.93
C MSE C 58 -7.61 -16.88 -1.58
O MSE C 58 -8.48 -16.44 -0.82
CB MSE C 58 -6.64 -14.87 -2.73
CG MSE C 58 -5.97 -14.30 -3.98
SE MSE C 58 -4.62 -15.31 -4.63
CE MSE C 58 -3.28 -14.82 -3.58
N GLU C 59 -6.88 -17.96 -1.32
CA GLU C 59 -6.95 -18.68 -0.05
C GLU C 59 -5.54 -18.59 0.54
N VAL C 60 -5.37 -17.77 1.57
CA VAL C 60 -4.04 -17.64 2.16
C VAL C 60 -3.95 -18.14 3.60
N ASP C 61 -3.01 -19.04 3.83
CA ASP C 61 -2.75 -19.56 5.17
C ASP C 61 -1.50 -18.84 5.64
N TYR C 62 -1.60 -18.15 6.77
CA TYR C 62 -0.44 -17.44 7.31
C TYR C 62 0.14 -18.37 8.36
N LEU C 63 1.26 -19.00 8.01
CA LEU C 63 1.91 -19.98 8.86
C LEU C 63 2.88 -19.40 9.87
N ARG C 64 3.66 -18.41 9.46
CA ARG C 64 4.61 -17.75 10.34
C ARG C 64 4.67 -16.26 10.07
N PRO C 65 4.86 -15.46 11.13
CA PRO C 65 4.93 -14.02 10.89
C PRO C 65 6.23 -13.69 10.16
N ILE C 66 6.22 -12.61 9.39
CA ILE C 66 7.40 -12.18 8.68
C ILE C 66 7.83 -10.88 9.34
N LEU C 67 9.11 -10.79 9.70
CA LEU C 67 9.65 -9.62 10.39
C LEU C 67 10.59 -8.80 9.54
N LEU C 68 10.77 -7.54 9.93
CA LEU C 68 11.69 -6.64 9.23
C LEU C 68 13.07 -7.30 9.30
N GLY C 69 13.77 -7.35 8.16
CA GLY C 69 15.08 -7.97 8.12
C GLY C 69 15.03 -9.40 7.64
N ASP C 70 13.84 -9.98 7.63
CA ASP C 70 13.71 -11.36 7.15
C ASP C 70 14.11 -11.48 5.69
N GLU C 71 14.76 -12.59 5.36
CA GLU C 71 15.14 -12.85 3.96
C GLU C 71 13.91 -13.54 3.39
N VAL C 72 13.24 -12.89 2.46
CA VAL C 72 12.02 -13.44 1.89
C VAL C 72 12.08 -13.81 0.40
N PHE C 73 11.57 -15.00 0.09
CA PHE C 73 11.49 -15.48 -1.29
C PHE C 73 10.06 -15.91 -1.54
N VAL C 74 9.60 -15.77 -2.78
CA VAL C 74 8.24 -16.16 -3.13
C VAL C 74 8.27 -17.01 -4.40
N GLY C 75 7.73 -18.22 -4.32
CA GLY C 75 7.69 -19.10 -5.47
C GLY C 75 6.25 -19.27 -5.92
N VAL C 76 6.05 -19.41 -7.23
CA VAL C 76 4.69 -19.57 -7.76
C VAL C 76 4.64 -20.64 -8.84
N ARG C 77 3.51 -21.34 -8.93
CA ARG C 77 3.36 -22.38 -9.93
C ARG C 77 1.88 -22.66 -10.18
N THR C 78 1.57 -23.05 -11.41
CA THR C 78 0.19 -23.38 -11.78
C THR C 78 -0.04 -24.83 -11.38
N VAL C 79 -1.09 -25.10 -10.62
CA VAL C 79 -1.36 -26.47 -10.21
C VAL C 79 -2.54 -27.10 -10.93
N GLY C 80 -3.31 -26.30 -11.65
CA GLY C 80 -4.45 -26.84 -12.36
C GLY C 80 -5.00 -25.90 -13.41
N LEU C 81 -5.48 -26.47 -14.51
CA LEU C 81 -6.09 -25.68 -15.57
C LEU C 81 -7.57 -26.03 -15.70
N GLY C 82 -8.42 -25.01 -15.73
CA GLY C 82 -9.85 -25.22 -15.85
C GLY C 82 -10.31 -24.87 -17.26
N ARG C 83 -11.51 -24.30 -17.36
CA ARG C 83 -12.07 -23.90 -18.66
C ARG C 83 -11.56 -22.47 -18.90
N SER C 84 -12.06 -21.52 -18.12
CA SER C 84 -11.62 -20.14 -18.24
C SER C 84 -10.75 -19.82 -17.01
N SER C 85 -10.52 -20.81 -16.17
CA SER C 85 -9.75 -20.60 -14.95
C SER C 85 -8.46 -21.40 -14.83
N LEU C 86 -7.66 -21.03 -13.84
CA LEU C 86 -6.44 -21.75 -13.56
C LEU C 86 -6.16 -21.55 -12.07
N ARG C 87 -5.58 -22.58 -11.46
CA ARG C 87 -5.28 -22.55 -10.03
C ARG C 87 -3.77 -22.44 -9.87
N MSE C 88 -3.35 -21.48 -9.06
CA MSE C 88 -1.93 -21.24 -8.83
C MSE C 88 -1.58 -21.27 -7.35
O MSE C 88 -2.31 -20.73 -6.52
CB MSE C 88 -1.53 -19.87 -9.42
CG MSE C 88 -1.65 -19.77 -10.95
SE MSE C 88 -1.25 -18.10 -11.58
CE MSE C 88 0.25 -17.75 -10.51
N GLU C 89 -0.47 -21.93 -7.02
CA GLU C 89 -0.02 -22.03 -5.65
C GLU C 89 1.16 -21.07 -5.47
N HIS C 90 1.11 -20.27 -4.40
CA HIS C 90 2.17 -19.32 -4.08
C HIS C 90 2.76 -19.73 -2.74
N LEU C 91 4.09 -19.77 -2.66
CA LEU C 91 4.78 -20.11 -1.42
C LEU C 91 5.74 -18.99 -1.02
N VAL C 92 5.49 -18.40 0.15
CA VAL C 92 6.32 -17.34 0.67
C VAL C 92 7.19 -17.93 1.79
N THR C 93 8.51 -17.80 1.67
CA THR C 93 9.40 -18.31 2.71
C THR C 93 10.11 -17.14 3.39
N ALA C 94 10.35 -17.27 4.69
CA ALA C 94 11.05 -16.25 5.46
C ALA C 94 12.18 -16.99 6.15
N ASN C 95 13.42 -16.59 5.86
CA ASN C 95 14.59 -17.23 6.44
C ASN C 95 14.59 -18.74 6.23
N GLY C 96 14.15 -19.15 5.04
CA GLY C 96 14.14 -20.56 4.70
C GLY C 96 12.96 -21.38 5.16
N GLU C 97 12.08 -20.79 5.96
CA GLU C 97 10.91 -21.51 6.47
C GLU C 97 9.62 -21.04 5.81
N SER C 98 8.67 -21.95 5.62
CA SER C 98 7.40 -21.61 5.00
C SER C 98 6.64 -20.62 5.87
N ALA C 99 6.44 -19.42 5.33
CA ALA C 99 5.73 -18.35 6.05
C ALA C 99 4.24 -18.24 5.67
N ALA C 100 3.94 -18.50 4.40
CA ALA C 100 2.56 -18.42 3.95
C ALA C 100 2.34 -19.15 2.65
N LYS C 101 1.14 -19.68 2.47
CA LYS C 101 0.79 -20.40 1.26
C LYS C 101 -0.50 -19.80 0.75
N GLY C 102 -0.55 -19.56 -0.55
CA GLY C 102 -1.74 -19.00 -1.13
C GLY C 102 -2.19 -19.78 -2.34
N LEU C 103 -3.47 -20.15 -2.36
CA LEU C 103 -4.03 -20.86 -3.52
C LEU C 103 -4.94 -19.83 -4.18
N GLY C 104 -4.66 -19.50 -5.43
CA GLY C 104 -5.50 -18.53 -6.10
C GLY C 104 -6.20 -19.06 -7.34
N VAL C 105 -7.39 -18.54 -7.59
CA VAL C 105 -8.14 -18.92 -8.78
C VAL C 105 -8.10 -17.67 -9.65
N LEU C 106 -7.48 -17.82 -10.83
CA LEU C 106 -7.33 -16.76 -11.82
C LEU C 106 -8.25 -17.06 -12.99
N VAL C 107 -8.93 -16.03 -13.47
CA VAL C 107 -9.89 -16.20 -14.58
C VAL C 107 -9.49 -15.35 -15.78
N TRP C 108 -9.44 -16.01 -16.94
CA TRP C 108 -9.08 -15.36 -18.20
C TRP C 108 -10.28 -14.60 -18.76
N LEU C 109 -10.08 -13.31 -19.04
CA LEU C 109 -11.15 -12.48 -19.58
C LEU C 109 -10.92 -12.02 -21.02
N GLU C 110 -12.01 -11.98 -21.77
CA GLU C 110 -12.01 -11.49 -23.15
C GLU C 110 -13.24 -10.59 -23.23
N GLY C 111 -13.02 -9.33 -23.61
CA GLY C 111 -14.13 -8.41 -23.70
C GLY C 111 -14.77 -8.18 -22.35
N GLY C 112 -13.98 -8.37 -21.30
CA GLY C 112 -14.49 -8.17 -19.95
C GLY C 112 -15.22 -9.34 -19.32
N ARG C 113 -15.30 -10.48 -20.01
CA ARG C 113 -15.99 -11.63 -19.44
C ARG C 113 -15.20 -12.94 -19.59
N PRO C 114 -15.43 -13.91 -18.69
CA PRO C 114 -14.72 -15.19 -18.75
C PRO C 114 -14.77 -15.85 -20.13
N ALA C 115 -13.63 -16.38 -20.55
CA ALA C 115 -13.50 -17.06 -21.84
C ALA C 115 -12.48 -18.19 -21.68
N PRO C 116 -12.57 -19.26 -22.48
CA PRO C 116 -11.61 -20.36 -22.35
C PRO C 116 -10.16 -19.92 -22.48
N LEU C 117 -9.30 -20.44 -21.62
CA LEU C 117 -7.88 -20.12 -21.68
C LEU C 117 -7.38 -20.54 -23.06
N PRO C 118 -6.72 -19.62 -23.81
CA PRO C 118 -6.21 -19.96 -25.14
C PRO C 118 -5.16 -21.06 -25.11
N GLU C 119 -5.13 -21.85 -26.18
CA GLU C 119 -4.17 -22.95 -26.30
C GLU C 119 -2.74 -22.41 -26.23
N ALA C 120 -2.53 -21.25 -26.83
CA ALA C 120 -1.22 -20.61 -26.85
C ALA C 120 -0.70 -20.34 -25.43
N ILE C 121 -1.60 -19.88 -24.57
CA ILE C 121 -1.23 -19.60 -23.18
C ILE C 121 -1.01 -20.90 -22.41
N ARG C 122 -1.87 -21.89 -22.66
CA ARG C 122 -1.77 -23.19 -21.99
C ARG C 122 -0.46 -23.89 -22.32
N GLU C 123 -0.07 -23.85 -23.60
CA GLU C 123 1.17 -24.47 -24.05
C GLU C 123 2.37 -23.85 -23.35
N ARG C 124 2.35 -22.52 -23.21
CA ARG C 124 3.45 -21.82 -22.56
C ARG C 124 3.52 -22.16 -21.08
N ILE C 125 2.36 -22.30 -20.42
CA ILE C 125 2.29 -22.65 -19.01
C ILE C 125 2.89 -24.05 -18.82
N ARG C 126 2.45 -25.00 -19.64
CA ARG C 126 2.94 -26.38 -19.56
C ARG C 126 4.46 -26.45 -19.80
N ALA C 127 4.95 -25.57 -20.67
CA ALA C 127 6.37 -25.52 -20.99
C ALA C 127 7.16 -24.93 -19.81
N LEU C 128 6.61 -23.91 -19.20
CA LEU C 128 7.29 -23.27 -18.07
C LEU C 128 7.33 -24.24 -16.89
N GLU C 129 6.27 -25.02 -16.70
CA GLU C 129 6.18 -25.97 -15.61
C GLU C 129 7.08 -27.21 -15.79
N GLY C 130 7.27 -27.64 -17.03
CA GLY C 130 8.12 -28.80 -17.27
C GLY C 130 7.68 -30.04 -16.51
N ARG C 131 6.36 -30.15 -16.31
CA ARG C 131 5.78 -31.30 -15.60
C ARG C 131 4.36 -31.47 -16.11
N PRO C 132 3.80 -32.69 -16.03
CA PRO C 132 2.43 -32.94 -16.50
C PRO C 132 1.44 -31.96 -15.90
N LEU C 133 0.59 -31.38 -16.74
CA LEU C 133 -0.38 -30.39 -16.29
C LEU C 133 -1.45 -30.23 -17.36
N GLY D 3 29.12 7.59 -0.83
CA GLY D 3 28.89 8.81 0.01
C GLY D 3 27.80 8.61 1.04
N PHE D 4 27.19 7.43 1.03
CA PHE D 4 26.12 7.13 1.97
C PHE D 4 26.51 5.99 2.90
N PRO D 5 26.44 6.23 4.23
CA PRO D 5 26.80 5.20 5.21
C PRO D 5 25.89 3.97 5.21
N VAL D 6 24.62 4.17 4.89
CA VAL D 6 23.65 3.06 4.89
C VAL D 6 22.99 2.91 3.52
N ARG D 7 22.89 1.67 3.06
CA ARG D 7 22.30 1.36 1.77
C ARG D 7 21.44 0.09 1.88
N VAL D 8 20.34 0.04 1.14
CA VAL D 8 19.48 -1.14 1.19
C VAL D 8 18.98 -1.48 -0.20
N ARG D 9 18.59 -2.73 -0.41
CA ARG D 9 18.07 -3.16 -1.69
C ARG D 9 16.54 -3.15 -1.58
N VAL D 10 15.87 -2.82 -2.68
CA VAL D 10 14.42 -2.80 -2.71
C VAL D 10 13.95 -3.55 -3.94
N ASP D 11 12.93 -4.39 -3.76
CA ASP D 11 12.38 -5.12 -4.89
C ASP D 11 11.13 -4.38 -5.31
N VAL D 12 11.03 -4.10 -6.60
CA VAL D 12 9.89 -3.38 -7.12
C VAL D 12 8.71 -4.34 -7.26
N ARG D 13 7.59 -3.99 -6.62
CA ARG D 13 6.42 -4.85 -6.66
C ARG D 13 5.44 -4.36 -7.71
N PHE D 14 4.61 -5.29 -8.20
CA PHE D 14 3.58 -4.92 -9.18
C PHE D 14 2.70 -3.90 -8.47
N ARG D 15 2.45 -4.17 -7.18
CA ARG D 15 1.60 -3.30 -6.37
C ARG D 15 2.12 -1.86 -6.32
N ASP D 16 3.42 -1.68 -6.52
CA ASP D 16 4.03 -0.34 -6.49
C ASP D 16 3.76 0.52 -7.73
N LEU D 17 3.25 -0.10 -8.79
CA LEU D 17 3.08 0.63 -10.06
C LEU D 17 1.83 1.43 -10.35
N ASP D 18 2.03 2.54 -11.07
CA ASP D 18 0.95 3.37 -11.54
C ASP D 18 0.51 2.61 -12.79
N PRO D 19 -0.71 2.85 -13.29
CA PRO D 19 -1.21 2.15 -14.49
C PRO D 19 -0.25 2.09 -15.69
N LEU D 20 0.55 3.13 -15.89
CA LEU D 20 1.48 3.15 -17.02
C LEU D 20 2.70 2.25 -16.82
N GLY D 21 2.80 1.62 -15.66
CA GLY D 21 3.92 0.73 -15.43
C GLY D 21 5.20 1.27 -14.81
N HIS D 22 5.10 2.37 -14.06
CA HIS D 22 6.27 2.91 -13.36
C HIS D 22 5.85 3.08 -11.90
N VAL D 23 6.82 3.05 -10.99
CA VAL D 23 6.54 3.17 -9.57
C VAL D 23 5.83 4.47 -9.20
N ASN D 24 4.82 4.35 -8.35
CA ASN D 24 4.01 5.47 -7.89
C ASN D 24 4.81 6.46 -7.03
N ASN D 25 4.47 7.74 -7.15
CA ASN D 25 5.21 8.76 -6.42
C ASN D 25 5.31 8.58 -4.90
N ALA D 26 4.24 8.11 -4.26
CA ALA D 26 4.26 7.94 -2.82
C ALA D 26 5.17 6.78 -2.39
N VAL D 27 5.16 5.72 -3.19
CA VAL D 27 5.93 4.51 -2.92
C VAL D 27 7.42 4.80 -2.78
N PHE D 28 7.91 5.75 -3.57
CA PHE D 28 9.33 6.15 -3.50
C PHE D 28 9.71 6.50 -2.05
N LEU D 29 8.78 7.17 -1.36
CA LEU D 29 9.04 7.55 0.02
C LEU D 29 9.12 6.34 0.93
N SER D 30 8.44 5.25 0.57
CA SER D 30 8.50 4.03 1.38
C SER D 30 9.85 3.36 1.10
N TYR D 31 10.37 3.53 -0.11
CA TYR D 31 11.68 2.98 -0.45
C TYR D 31 12.71 3.74 0.44
N MSE D 32 12.60 5.07 0.45
CA MSE D 32 13.50 5.94 1.23
C MSE D 32 13.42 5.62 2.72
O MSE D 32 14.43 5.57 3.42
CB MSE D 32 13.13 7.43 1.00
CG MSE D 32 13.36 7.92 -0.44
SE MSE D 32 12.87 9.65 -0.75
CE MSE D 32 13.45 9.84 -2.40
N GLU D 33 12.20 5.39 3.18
CA GLU D 33 11.96 5.08 4.58
C GLU D 33 12.67 3.81 5.06
N LEU D 34 12.69 2.77 4.23
CA LEU D 34 13.36 1.54 4.63
C LEU D 34 14.81 1.86 4.98
N ALA D 35 15.47 2.61 4.09
CA ALA D 35 16.86 2.95 4.33
C ALA D 35 17.00 3.79 5.59
N ARG D 36 16.12 4.79 5.76
CA ARG D 36 16.17 5.65 6.93
C ARG D 36 16.00 4.84 8.22
N ILE D 37 15.06 3.90 8.22
CA ILE D 37 14.83 3.08 9.40
C ILE D 37 16.07 2.27 9.75
N ARG D 38 16.77 1.73 8.75
CA ARG D 38 17.97 0.96 9.04
C ARG D 38 19.06 1.87 9.57
N TYR D 39 18.98 3.15 9.20
CA TYR D 39 19.95 4.13 9.67
C TYR D 39 19.66 4.40 11.14
N PHE D 40 18.38 4.62 11.45
CA PHE D 40 17.95 4.87 12.83
C PHE D 40 18.32 3.71 13.74
N GLN D 41 18.28 2.49 13.19
CA GLN D 41 18.63 1.30 13.98
C GLN D 41 20.08 1.37 14.47
N ARG D 42 20.88 2.21 13.83
CA ARG D 42 22.28 2.34 14.19
C ARG D 42 22.60 3.56 15.04
N ILE D 43 21.61 4.42 15.26
CA ILE D 43 21.85 5.63 16.04
C ILE D 43 20.88 5.87 17.19
N SER D 44 19.74 5.19 17.16
CA SER D 44 18.73 5.39 18.20
C SER D 44 17.98 4.11 18.52
N PRO D 45 17.44 4.00 19.74
CA PRO D 45 16.70 2.79 20.11
C PRO D 45 15.26 2.88 19.61
N ASP D 46 14.54 1.76 19.71
CA ASP D 46 13.13 1.69 19.33
C ASP D 46 12.83 2.08 17.88
N TRP D 47 13.36 1.33 16.92
CA TRP D 47 13.13 1.63 15.52
C TRP D 47 11.64 1.50 15.17
N LEU D 48 10.93 0.63 15.89
CA LEU D 48 9.51 0.43 15.63
C LEU D 48 8.76 1.74 15.88
N GLU D 49 9.27 2.54 16.81
CA GLU D 49 8.70 3.85 17.11
C GLU D 49 9.44 4.89 16.26
N GLU D 50 10.03 4.45 15.16
CA GLU D 50 10.77 5.33 14.27
C GLU D 50 11.92 6.05 15.00
N GLY D 51 12.51 5.37 15.98
CA GLY D 51 13.63 5.93 16.73
C GLY D 51 13.32 7.23 17.46
N HIS D 52 12.05 7.46 17.71
CA HIS D 52 11.56 8.66 18.40
C HIS D 52 11.57 9.90 17.53
N PHE D 53 11.65 9.69 16.22
CA PHE D 53 11.63 10.80 15.27
C PHE D 53 10.31 10.77 14.52
N VAL D 54 9.85 11.94 14.08
CA VAL D 54 8.64 12.02 13.27
C VAL D 54 9.08 12.81 12.03
N VAL D 55 8.46 12.53 10.89
CA VAL D 55 8.82 13.24 9.66
C VAL D 55 8.10 14.59 9.66
N ALA D 56 8.88 15.66 9.57
CA ALA D 56 8.31 17.01 9.55
C ALA D 56 8.15 17.53 8.13
N ARG D 57 9.07 17.16 7.26
CA ARG D 57 9.03 17.61 5.87
C ARG D 57 9.78 16.65 4.97
N MSE D 58 9.29 16.50 3.74
CA MSE D 58 9.97 15.67 2.76
C MSE D 58 9.94 16.42 1.43
O MSE D 58 8.88 16.85 0.97
CB MSE D 58 9.30 14.29 2.60
CG MSE D 58 9.61 13.26 3.71
SE MSE D 58 11.34 12.64 3.83
CE MSE D 58 11.79 12.52 2.15
N GLU D 59 11.11 16.61 0.83
CA GLU D 59 11.24 17.25 -0.49
C GLU D 59 11.79 16.16 -1.39
N VAL D 60 11.00 15.71 -2.35
CA VAL D 60 11.46 14.66 -3.23
C VAL D 60 11.47 15.08 -4.69
N ASP D 61 12.61 14.87 -5.35
CA ASP D 61 12.76 15.16 -6.76
C ASP D 61 12.75 13.81 -7.44
N TYR D 62 11.82 13.59 -8.37
CA TYR D 62 11.73 12.33 -9.09
C TYR D 62 12.47 12.58 -10.41
N LEU D 63 13.64 11.95 -10.52
CA LEU D 63 14.55 12.13 -11.65
C LEU D 63 14.37 11.16 -12.80
N ARG D 64 14.07 9.91 -12.47
CA ARG D 64 13.91 8.86 -13.46
C ARG D 64 12.81 7.91 -13.02
N PRO D 65 11.99 7.43 -13.97
CA PRO D 65 10.94 6.51 -13.54
C PRO D 65 11.57 5.17 -13.17
N ILE D 66 10.94 4.42 -12.26
CA ILE D 66 11.44 3.11 -11.86
C ILE D 66 10.44 2.10 -12.42
N LEU D 67 10.96 1.03 -13.02
CA LEU D 67 10.11 0.01 -13.63
C LEU D 67 10.25 -1.34 -12.95
N LEU D 68 9.26 -2.21 -13.16
CA LEU D 68 9.28 -3.55 -12.58
C LEU D 68 10.57 -4.23 -13.08
N GLY D 69 11.26 -4.92 -12.18
CA GLY D 69 12.47 -5.61 -12.58
C GLY D 69 13.74 -4.79 -12.45
N ASP D 70 13.60 -3.49 -12.25
CA ASP D 70 14.78 -2.64 -12.10
C ASP D 70 15.54 -3.06 -10.84
N GLU D 71 16.84 -2.79 -10.84
CA GLU D 71 17.67 -3.10 -9.69
C GLU D 71 17.68 -1.79 -8.91
N VAL D 72 17.05 -1.81 -7.74
CA VAL D 72 16.94 -0.60 -6.92
C VAL D 72 17.68 -0.64 -5.59
N PHE D 73 18.44 0.43 -5.34
CA PHE D 73 19.18 0.58 -4.09
C PHE D 73 18.83 1.94 -3.52
N VAL D 74 18.83 2.04 -2.19
CA VAL D 74 18.51 3.30 -1.54
C VAL D 74 19.57 3.60 -0.49
N GLY D 75 20.20 4.77 -0.60
CA GLY D 75 21.20 5.17 0.36
C GLY D 75 20.68 6.35 1.16
N VAL D 76 21.16 6.49 2.39
CA VAL D 76 20.72 7.58 3.23
C VAL D 76 21.86 8.12 4.09
N ARG D 77 21.83 9.42 4.36
CA ARG D 77 22.86 10.06 5.18
C ARG D 77 22.37 11.37 5.83
N THR D 78 22.90 11.68 7.01
CA THR D 78 22.51 12.91 7.69
C THR D 78 23.37 14.04 7.13
N VAL D 79 22.73 15.11 6.66
CA VAL D 79 23.47 16.23 6.10
C VAL D 79 23.53 17.43 7.03
N GLY D 80 22.72 17.41 8.09
CA GLY D 80 22.73 18.53 9.02
C GLY D 80 22.03 18.22 10.33
N LEU D 81 22.47 18.89 11.40
CA LEU D 81 21.87 18.69 12.71
C LEU D 81 21.40 20.02 13.30
N GLY D 82 20.18 20.06 13.81
CA GLY D 82 19.67 21.29 14.39
C GLY D 82 19.66 21.18 15.91
N ARG D 83 18.57 21.63 16.52
CA ARG D 83 18.42 21.55 17.97
C ARG D 83 17.61 20.29 18.26
N SER D 84 16.40 20.20 17.69
CA SER D 84 15.55 19.02 17.87
C SER D 84 15.39 18.34 16.51
N SER D 85 15.89 19.00 15.47
CA SER D 85 15.74 18.47 14.11
C SER D 85 17.00 17.86 13.50
N LEU D 86 16.79 17.12 12.43
CA LEU D 86 17.84 16.43 11.67
C LEU D 86 17.46 16.47 10.19
N ARG D 87 18.44 16.76 9.33
CA ARG D 87 18.19 16.83 7.90
C ARG D 87 18.90 15.66 7.24
N MSE D 88 18.14 14.87 6.48
CA MSE D 88 18.67 13.66 5.84
C MSE D 88 18.43 13.59 4.34
O MSE D 88 17.32 13.88 3.85
CB MSE D 88 18.03 12.45 6.52
CG MSE D 88 18.46 11.07 6.02
SE MSE D 88 17.63 9.70 6.95
CE MSE D 88 17.37 10.66 8.70
N GLU D 89 19.46 13.20 3.59
CA GLU D 89 19.36 13.05 2.14
C GLU D 89 19.17 11.57 1.85
N HIS D 90 18.22 11.27 0.99
CA HIS D 90 17.93 9.90 0.59
C HIS D 90 18.13 9.87 -0.92
N LEU D 91 18.80 8.85 -1.41
CA LEU D 91 19.03 8.71 -2.85
C LEU D 91 18.57 7.32 -3.27
N VAL D 92 17.72 7.27 -4.29
CA VAL D 92 17.23 6.00 -4.83
C VAL D 92 17.84 5.87 -6.22
N THR D 93 18.48 4.74 -6.50
CA THR D 93 19.07 4.54 -7.81
C THR D 93 18.38 3.33 -8.45
N ALA D 94 18.21 3.39 -9.76
CA ALA D 94 17.59 2.30 -10.49
C ALA D 94 18.54 1.93 -11.63
N ASN D 95 19.01 0.68 -11.63
CA ASN D 95 19.96 0.21 -12.63
C ASN D 95 21.20 1.11 -12.66
N GLY D 96 21.66 1.50 -11.49
CA GLY D 96 22.86 2.32 -11.39
C GLY D 96 22.68 3.83 -11.50
N GLU D 97 21.58 4.29 -12.07
CA GLU D 97 21.36 5.74 -12.23
C GLU D 97 20.44 6.31 -11.16
N SER D 98 20.68 7.57 -10.79
CA SER D 98 19.88 8.27 -9.78
C SER D 98 18.44 8.39 -10.25
N ALA D 99 17.51 7.81 -9.49
CA ALA D 99 16.10 7.88 -9.85
C ALA D 99 15.33 8.92 -9.05
N ALA D 100 15.72 9.11 -7.79
CA ALA D 100 15.05 10.08 -6.95
C ALA D 100 15.95 10.52 -5.80
N LYS D 101 15.78 11.77 -5.38
CA LYS D 101 16.55 12.32 -4.27
C LYS D 101 15.56 12.96 -3.31
N GLY D 102 15.67 12.59 -2.03
CA GLY D 102 14.77 13.12 -1.04
C GLY D 102 15.50 13.77 0.12
N LEU D 103 15.08 14.98 0.48
CA LEU D 103 15.67 15.70 1.59
C LEU D 103 14.54 15.81 2.60
N GLY D 104 14.74 15.23 3.77
CA GLY D 104 13.70 15.28 4.78
C GLY D 104 14.17 15.90 6.07
N VAL D 105 13.23 16.42 6.84
CA VAL D 105 13.56 17.01 8.13
C VAL D 105 12.86 16.10 9.12
N LEU D 106 13.63 15.54 10.04
CA LEU D 106 13.08 14.67 11.07
C LEU D 106 13.24 15.36 12.41
N VAL D 107 12.20 15.24 13.24
CA VAL D 107 12.19 15.89 14.55
C VAL D 107 12.15 14.89 15.71
N TRP D 108 13.06 15.07 16.66
CA TRP D 108 13.16 14.24 17.85
C TRP D 108 12.08 14.62 18.84
N LEU D 109 11.31 13.65 19.31
CA LEU D 109 10.24 13.93 20.25
C LEU D 109 10.43 13.27 21.62
N GLU D 110 9.96 13.96 22.64
CA GLU D 110 9.99 13.46 24.01
C GLU D 110 8.61 13.80 24.53
N GLY D 111 7.90 12.78 24.99
CA GLY D 111 6.56 13.03 25.48
C GLY D 111 5.70 13.67 24.40
N GLY D 112 5.96 13.29 23.15
CA GLY D 112 5.20 13.79 22.03
C GLY D 112 5.45 15.20 21.52
N ARG D 113 6.45 15.87 22.07
CA ARG D 113 6.76 17.23 21.65
C ARG D 113 8.22 17.32 21.22
N PRO D 114 8.54 18.26 20.31
CA PRO D 114 9.94 18.36 19.90
C PRO D 114 10.80 18.61 21.14
N ALA D 115 11.94 17.95 21.23
CA ALA D 115 12.86 18.12 22.35
C ALA D 115 14.28 18.06 21.82
N PRO D 116 15.24 18.60 22.58
CA PRO D 116 16.66 18.61 22.18
C PRO D 116 17.19 17.24 21.74
N LEU D 117 17.78 17.20 20.55
CA LEU D 117 18.35 15.97 20.03
C LEU D 117 19.43 15.52 21.00
N PRO D 118 19.24 14.35 21.64
CA PRO D 118 20.18 13.79 22.61
C PRO D 118 21.65 13.70 22.20
N GLU D 119 22.48 13.98 23.20
CA GLU D 119 23.93 13.95 23.10
C GLU D 119 24.37 12.65 22.46
N ALA D 120 23.80 11.54 22.93
CA ALA D 120 24.17 10.22 22.43
C ALA D 120 23.87 9.98 20.95
N ILE D 121 22.73 10.47 20.47
CA ILE D 121 22.38 10.27 19.07
C ILE D 121 23.30 11.07 18.14
N ARG D 122 23.68 12.27 18.57
CA ARG D 122 24.57 13.11 17.77
C ARG D 122 25.92 12.41 17.59
N GLU D 123 26.39 11.80 18.67
CA GLU D 123 27.67 11.08 18.67
C GLU D 123 27.66 9.90 17.70
N ARG D 124 26.58 9.13 17.70
CA ARG D 124 26.49 7.99 16.80
C ARG D 124 26.38 8.43 15.35
N ILE D 125 25.63 9.51 15.11
CA ILE D 125 25.49 10.04 13.75
C ILE D 125 26.89 10.31 13.25
N ARG D 126 27.64 11.08 14.01
CA ARG D 126 29.01 11.32 13.59
C ARG D 126 29.64 9.97 13.88
N ALA D 127 30.62 9.59 13.07
CA ALA D 127 31.28 8.29 13.22
C ALA D 127 30.50 7.29 12.37
ZN ZN E . -6.56 -6.80 -11.33
ZN ZN F . 5.46 8.12 11.98
N1A COA G . 10.02 22.25 7.59
C2A COA G . 11.20 22.50 8.12
N3A COA G . 11.39 22.41 9.42
C4A COA G . 10.40 22.05 10.24
C5A COA G . 9.14 21.77 9.71
C6A COA G . 8.97 21.88 8.34
N6A COA G . 7.78 21.65 7.80
N7A COA G . 8.35 21.40 10.72
C8A COA G . 9.07 21.44 11.83
N9A COA G . 10.31 21.83 11.55
C1B COA G . 11.20 22.25 12.46
C2B COA G . 12.38 22.99 12.36
O2B COA G . 13.03 23.31 11.21
C3B COA G . 12.79 23.39 13.78
O3B COA G . 13.85 22.54 14.21
P3B COA G . 14.99 23.03 15.22
O7A COA G . 14.57 22.51 16.67
O8A COA G . 16.32 22.21 14.80
O9A COA G . 15.23 24.50 15.18
C4B COA G . 11.45 23.07 14.45
O4B COA G . 11.05 21.89 13.75
C5B COA G . 11.45 22.79 15.95
O5B COA G . 10.19 22.21 16.31
P1A COA G . 8.89 23.10 16.66
O1A COA G . 9.06 23.50 18.08
O2A COA G . 8.70 24.16 15.65
O3A COA G . 7.71 22.02 16.57
P2A COA G . 6.36 22.21 15.71
O4A COA G . 5.36 22.87 16.57
O5A COA G . 6.66 22.82 14.40
O6A COA G . 5.95 20.66 15.50
CBP COA G . 6.19 18.45 14.48
CCP COA G . 6.77 19.86 14.65
CDP COA G . 6.27 17.71 15.82
CEP COA G . 7.02 17.71 13.43
CAP COA G . 4.73 18.54 14.03
OAP COA G . 4.60 19.47 12.96
C9P COA G . 4.21 17.16 13.61
O9P COA G . 3.42 16.63 14.68
N8P COA G . 3.41 17.27 12.38
C7P COA G . 2.94 15.96 11.92
C6P COA G . 4.11 15.07 11.48
C5P COA G . 3.59 13.83 10.73
O5P COA G . 2.75 13.06 11.59
N4P COA G . 4.72 13.03 10.25
C3P COA G . 4.24 11.88 9.46
C2P COA G . 4.28 10.61 10.31
S1P COA G . 5.96 10.19 10.87
N1A COA H . 11.73 20.53 -9.65
C2A COA H . 11.23 21.55 -10.32
N3A COA H . 10.99 21.47 -11.62
C4A COA H . 11.26 20.35 -12.29
C5A COA H . 11.79 19.25 -11.62
C6A COA H . 12.03 19.38 -10.26
N6A COA H . 12.57 18.36 -9.58
N7A COA H . 11.92 18.26 -12.50
C8A COA H . 11.49 18.69 -13.68
N9A COA H . 11.10 19.96 -13.55
C1B COA H . 10.86 20.78 -14.58
C2B COA H . 10.74 22.17 -14.64
O2B COA H . 10.73 23.04 -13.60
C3B COA H . 10.68 22.55 -16.13
O3B COA H . 9.30 22.68 -16.50
P3B COA H . 8.84 23.75 -17.60
O7A COA H . 8.74 22.97 -19.01
O8A COA H . 7.33 24.15 -17.20
O9A COA H . 9.73 24.94 -17.67
C4B COA H . 11.30 21.25 -16.66
O4B COA H . 10.66 20.28 -15.83
C5B COA H . 11.04 20.93 -18.14
O5B COA H . 11.38 19.57 -18.40
P1A COA H . 12.90 19.02 -18.44
O1A COA H . 13.46 19.40 -19.75
O2A COA H . 13.62 19.42 -17.22
O3A COA H . 12.63 17.42 -18.43
P2A COA H . 13.61 16.36 -17.73
O4A COA H . 14.46 15.79 -18.79
O5A COA H . 14.26 16.96 -16.54
O6A COA H . 12.54 15.24 -17.25
CBP COA H . 10.79 14.35 -15.82
CCP COA H . 11.63 15.56 -16.21
CDP COA H . 9.94 13.92 -17.01
CEP COA H . 9.87 14.75 -14.65
CAP COA H . 11.71 13.20 -15.39
OAP COA H . 12.67 13.67 -14.43
C9P COA H . 10.90 12.04 -14.82
O9P COA H . 10.79 11.02 -15.80
N8P COA H . 11.54 11.52 -13.60
C7P COA H . 10.73 10.44 -13.01
C6P COA H . 9.36 10.93 -12.55
C5P COA H . 8.66 9.85 -11.73
O5P COA H . 8.52 8.66 -12.50
N4P COA H . 7.34 10.32 -11.27
C3P COA H . 6.74 9.32 -10.37
C2P COA H . 5.61 8.58 -11.08
S1P COA H . 4.23 9.68 -11.55
ZN ZN I . -0.88 -8.35 12.54
N1A COA J . -14.00 -19.40 -6.48
C2A COA J . -13.69 -20.40 -7.28
N3A COA J . -13.92 -20.33 -8.58
C4A COA J . -14.45 -19.23 -9.13
C5A COA J . -14.77 -18.15 -8.31
C6A COA J . -14.54 -18.27 -6.95
N6A COA J . -14.90 -17.28 -6.13
N7A COA J . -15.22 -17.16 -9.08
C8A COA J . -15.17 -17.59 -10.34
N9A COA J . -14.73 -18.85 -10.38
C1B COA J . -14.92 -19.66 -11.42
C2B COA J . -14.94 -21.04 -11.57
O2B COA J . -14.73 -21.97 -10.60
C3B COA J . -15.39 -21.34 -13.01
O3B COA J . -14.22 -21.55 -13.80
P3B COA J . -14.19 -22.52 -15.09
O7A COA J . -14.02 -21.55 -16.36
O8A COA J . -12.82 -23.35 -14.95
O9A COA J . -15.37 -23.40 -15.20
C4B COA J . -16.04 -19.97 -13.24
O4B COA J . -15.06 -19.10 -12.65
C5B COA J . -16.30 -19.48 -14.67
O5B COA J . -16.63 -18.08 -14.59
P1A COA J . -18.15 -17.57 -14.46
O1A COA J . -18.78 -17.86 -15.77
O2A COA J . -18.78 -18.08 -13.23
O3A COA J . -17.95 -15.97 -14.35
P2A COA J . -18.51 -15.09 -13.12
O4A COA J . -19.78 -14.48 -13.56
O5A COA J . -18.50 -15.89 -11.89
O6A COA J . -17.38 -13.94 -13.02
CBP COA J . -15.18 -13.08 -12.37
CCP COA J . -16.10 -14.29 -12.47
CDP COA J . -14.81 -12.60 -13.78
CEP COA J . -13.91 -13.49 -11.63
CAP COA J . -15.90 -11.96 -11.62
OAP COA J . -16.48 -12.48 -10.42
C9P COA J . -14.96 -10.79 -11.29
O9P COA J . -15.34 -9.64 -12.03
N8P COA J . -14.99 -10.52 -9.84
C7P COA J . -14.08 -9.42 -9.49
C6P COA J . -12.62 -9.90 -9.49
C5P COA J . -11.71 -8.85 -8.85
O5P COA J . -11.78 -7.62 -9.58
N4P COA J . -10.33 -9.33 -8.82
C3P COA J . -9.47 -8.37 -8.10
C2P COA J . -8.65 -7.56 -9.11
S1P COA J . -7.62 -8.63 -10.18
N1A COA K . -6.80 -22.29 8.76
C2A COA K . -7.75 -22.59 9.63
N3A COA K . -7.52 -22.61 10.93
C4A COA K . -6.31 -22.30 11.41
C5A COA K . -5.29 -21.97 10.53
C6A COA K . -5.57 -21.97 9.18
N6A COA K . -4.60 -21.71 8.30
N7A COA K . -4.23 -21.61 11.25
C8A COA K . -4.57 -21.72 12.53
N9A COA K . -5.81 -22.15 12.64
C1B COA K . -6.31 -22.70 13.75
C2B COA K . -7.36 -23.58 14.02
O2B COA K . -8.18 -24.18 13.12
C3B COA K . -7.27 -23.95 15.51
O3B COA K . -8.16 -23.12 16.26
P3B COA K . -8.78 -23.61 17.67
O7A COA K . -7.82 -23.00 18.81
O8A COA K . -10.20 -22.86 17.78
O9A COA K . -8.91 -25.08 17.76
C4B COA K . -5.80 -23.54 15.65
O4B COA K . -5.78 -22.30 14.94
C5B COA K . -5.16 -23.32 17.02
O5B COA K . -3.82 -22.92 16.75
P1A COA K . -2.64 -24.00 16.52
O1A COA K . -2.50 -24.68 17.83
O2A COA K . -2.92 -24.83 15.31
O3A COA K . -1.35 -23.06 16.28
P2A COA K . -0.52 -22.99 14.90
O4A COA K . 0.75 -23.69 15.11
O5A COA K . -1.38 -23.39 13.77
O6A COA K . -0.19 -21.41 14.80
CBP COA K . -0.68 -19.07 14.26
CCP COA K . -1.21 -20.50 14.39
CDP COA K . -0.29 -18.54 15.63
CEP COA K . -1.79 -18.19 13.68
CAP COA K . 0.54 -19.05 13.33
OAP COA K . 0.30 -19.84 12.16
C9P COA K . 0.92 -17.62 12.94
O9P COA K . 2.07 -17.21 13.68
N8P COA K . 1.20 -17.55 11.49
C7P COA K . 1.50 -16.18 11.07
C6P COA K . 0.27 -15.27 11.17
C5P COA K . 0.54 -13.94 10.46
O5P COA K . 1.60 -13.25 11.12
N4P COA K . -0.67 -13.13 10.45
C3P COA K . -0.48 -11.95 9.58
C2P COA K . -0.26 -10.70 10.44
S1P COA K . -1.70 -10.32 11.51
ZN ZN L . 2.87 7.97 -12.46
#